data_6GR9
#
_entry.id   6GR9
#
_cell.length_a   82.617
_cell.length_b   82.617
_cell.length_c   121.000
_cell.angle_alpha   90.00
_cell.angle_beta   90.00
_cell.angle_gamma   120.00
#
_symmetry.space_group_name_H-M   'P 31 2 1'
#
loop_
_entity.id
_entity.type
_entity.pdbx_description
1 polymer 'Aurora kinase C'
2 polymer 'Inner centromere protein'
3 non-polymer 'CYCLOPROPANECARBOXYLIC ACID {4-[4-(4-METHYL-PIPERAZIN-1-YL)-6-(5-METHYL-2H-PYRAZOL-3-YLAMINO)-PYRIMIDIN-2-YLSULFANYL]-PHENYL}-AMIDE'
4 non-polymer 'SULFATE ION'
5 water water
#
loop_
_entity_poly.entity_id
_entity_poly.type
_entity_poly.pdbx_seq_one_letter_code
_entity_poly.pdbx_strand_id
1 'polypeptide(L)'
;GANSRRL(TPO)VDDFEIGRPLGKGKFGNVYLARLKESHFIVALKVLFKSQIEKEGLEHQLRREIEIQAHLQHPNILRLY
NYFHDARRVYLILEYAPRGELYKELQKSDKLDEQRTATIIEELADALTYCHDKKVIHRDIKPENLLLGFRGEVKIADFGW
SVHTPSLRRK(TPO)MCGTLDYLPPEMIEGRTYDEKVDLWCIGVLCYELLVGYPPFESASHSETYRRILKVDVRFPLSMP
LGARDLISRLLRYQPLERLPLAQILKHPWVQAHSRRVLPPCA
;
A
2 'polypeptide(L)' MEAHPRKPIPTWARGTPLSQAIIHQYYHPPNLLELFGTILPLDLEDIFKKSKPRYHKRT(SEP)(SEP)AVWNSPPLQ B
#
loop_
_chem_comp.id
_chem_comp.type
_chem_comp.name
_chem_comp.formula
SO4 non-polymer 'SULFATE ION' 'O4 S -2'
VX6 non-polymer 'CYCLOPROPANECARBOXYLIC ACID {4-[4-(4-METHYL-PIPERAZIN-1-YL)-6-(5-METHYL-2H-PYRAZOL-3-YLAMINO)-PYRIMIDIN-2-YLSULFANYL]-PHENYL}-AMIDE' 'C23 H28 N8 O S'
#
# COMPACT_ATOMS: atom_id res chain seq x y z
N ARG A 6 -16.42 3.21 -21.37
CA ARG A 6 -17.06 4.57 -21.51
C ARG A 6 -16.01 5.68 -21.31
N LEU A 7 -15.28 5.64 -20.18
CA LEU A 7 -14.52 6.80 -19.67
C LEU A 7 -13.26 7.07 -20.52
N TPO A 8 -12.96 8.37 -20.73
CA TPO A 8 -11.78 8.84 -21.45
CB TPO A 8 -12.18 9.06 -22.91
CG2 TPO A 8 -12.99 7.88 -23.47
OG1 TPO A 8 -12.94 10.27 -23.03
P TPO A 8 -12.84 10.91 -24.51
O1P TPO A 8 -11.50 11.62 -24.63
O2P TPO A 8 -13.97 11.90 -24.67
O3P TPO A 8 -12.98 9.83 -25.56
C TPO A 8 -11.22 10.09 -20.78
O TPO A 8 -11.81 10.61 -19.84
N VAL A 9 -10.10 10.61 -21.30
CA VAL A 9 -9.40 11.72 -20.64
C VAL A 9 -10.37 12.90 -20.45
N ASP A 10 -11.35 13.03 -21.36
CA ASP A 10 -12.14 14.26 -21.48
C ASP A 10 -13.24 14.31 -20.41
N ASP A 11 -13.47 13.18 -19.72
CA ASP A 11 -14.43 13.12 -18.62
C ASP A 11 -13.82 13.62 -17.31
N PHE A 12 -12.58 14.14 -17.31
CA PHE A 12 -11.90 14.57 -16.08
C PHE A 12 -11.40 16.02 -16.21
N GLU A 13 -11.47 16.78 -15.12
CA GLU A 13 -10.78 18.06 -15.02
C GLU A 13 -9.57 17.88 -14.13
N ILE A 14 -8.43 18.40 -14.56
CA ILE A 14 -7.21 18.32 -13.81
C ILE A 14 -7.20 19.45 -12.78
N GLY A 15 -6.82 19.11 -11.55
CA GLY A 15 -6.71 20.04 -10.46
C GLY A 15 -5.29 20.54 -10.30
N ARG A 16 -4.37 19.64 -9.98
CA ARG A 16 -2.97 20.01 -9.78
C ARG A 16 -2.14 18.73 -9.77
N PRO A 17 -0.82 18.83 -10.04
CA PRO A 17 0.09 17.69 -9.95
C PRO A 17 0.39 17.35 -8.49
N LEU A 18 0.66 16.06 -8.24
CA LEU A 18 0.87 15.51 -6.91
C LEU A 18 2.27 14.90 -6.85
N GLY A 19 3.03 15.21 -5.80
CA GLY A 19 4.31 14.55 -5.53
C GLY A 19 5.49 15.16 -6.26
N LYS A 20 5.25 16.16 -7.13
CA LYS A 20 6.30 16.96 -7.79
C LYS A 20 7.17 16.07 -8.69
N GLY A 21 6.55 15.15 -9.43
CA GLY A 21 7.24 14.29 -10.39
C GLY A 21 7.81 13.01 -9.76
N LYS A 22 8.04 13.03 -8.44
CA LYS A 22 8.67 11.95 -7.67
C LYS A 22 7.99 10.59 -7.94
N PHE A 23 6.68 10.59 -8.22
CA PHE A 23 5.87 9.38 -8.33
C PHE A 23 5.33 9.22 -9.75
N GLY A 24 5.94 9.93 -10.70
CA GLY A 24 5.48 9.97 -12.09
C GLY A 24 4.47 11.10 -12.30
N ASN A 25 3.60 10.89 -13.29
CA ASN A 25 2.60 11.85 -13.71
C ASN A 25 1.27 11.54 -13.02
N VAL A 26 1.10 12.13 -11.82
CA VAL A 26 -0.07 11.90 -10.96
C VAL A 26 -0.74 13.24 -10.66
N TYR A 27 -2.07 13.28 -10.89
CA TYR A 27 -2.82 14.51 -10.71
C TYR A 27 -4.05 14.27 -9.83
N LEU A 28 -4.30 15.22 -8.92
CA LEU A 28 -5.62 15.47 -8.37
C LEU A 28 -6.55 15.86 -9.52
N ALA A 29 -7.69 15.17 -9.62
CA ALA A 29 -8.67 15.38 -10.66
C ALA A 29 -10.07 15.01 -10.15
N ARG A 30 -11.08 15.27 -10.98
CA ARG A 30 -12.46 14.93 -10.67
C ARG A 30 -13.22 14.69 -11.96
N LEU A 31 -14.23 13.82 -11.90
CA LEU A 31 -15.20 13.65 -12.96
C LEU A 31 -15.89 14.99 -13.25
N LYS A 32 -15.98 15.38 -14.53
CA LYS A 32 -16.62 16.66 -14.94
C LYS A 32 -18.08 16.73 -14.49
N GLU A 33 -18.81 15.63 -14.66
CA GLU A 33 -20.23 15.56 -14.34
C GLU A 33 -20.43 15.62 -12.82
N SER A 34 -19.96 14.59 -12.10
CA SER A 34 -20.35 14.30 -10.72
C SER A 34 -19.45 15.00 -9.69
N HIS A 35 -18.27 15.45 -10.11
CA HIS A 35 -17.28 16.12 -9.27
C HIS A 35 -16.61 15.17 -8.26
N PHE A 36 -16.83 13.86 -8.42
CA PHE A 36 -16.11 12.85 -7.62
C PHE A 36 -14.59 13.01 -7.83
N ILE A 37 -13.84 13.12 -6.73
CA ILE A 37 -12.42 13.47 -6.73
C ILE A 37 -11.61 12.16 -6.74
N VAL A 38 -10.52 12.18 -7.52
CA VAL A 38 -9.66 11.04 -7.78
C VAL A 38 -8.20 11.50 -7.90
N ALA A 39 -7.30 10.54 -7.84
CA ALA A 39 -5.95 10.68 -8.35
C ALA A 39 -5.89 9.98 -9.72
N LEU A 40 -5.52 10.74 -10.76
CA LEU A 40 -5.34 10.22 -12.11
C LEU A 40 -3.83 10.08 -12.36
N LYS A 41 -3.42 8.85 -12.68
CA LYS A 41 -2.03 8.54 -12.93
C LYS A 41 -1.90 8.26 -14.44
N VAL A 42 -0.96 8.96 -15.09
CA VAL A 42 -0.77 8.86 -16.55
C VAL A 42 0.58 8.19 -16.83
N LEU A 43 0.55 7.07 -17.55
CA LEU A 43 1.74 6.35 -18.02
C LEU A 43 1.85 6.47 -19.55
N PHE A 44 3.07 6.81 -20.02
CA PHE A 44 3.38 6.80 -21.47
C PHE A 44 3.74 5.38 -21.89
N LYS A 45 2.98 4.83 -22.86
CA LYS A 45 3.18 3.48 -23.41
C LYS A 45 4.61 3.25 -23.92
N SER A 46 5.17 4.25 -24.62
CA SER A 46 6.55 4.22 -25.09
C SER A 46 7.50 3.92 -23.93
N GLN A 47 7.26 4.57 -22.78
CA GLN A 47 8.13 4.45 -21.61
C GLN A 47 7.91 3.09 -20.93
N ILE A 48 6.69 2.56 -20.99
CA ILE A 48 6.41 1.23 -20.44
C ILE A 48 7.17 0.20 -21.29
N GLU A 49 7.08 0.33 -22.61
CA GLU A 49 7.74 -0.58 -23.58
C GLU A 49 9.27 -0.48 -23.48
N LYS A 50 9.80 0.73 -23.32
CA LYS A 50 11.24 0.94 -23.19
C LYS A 50 11.80 0.27 -21.92
N GLU A 51 10.98 0.13 -20.87
CA GLU A 51 11.42 -0.50 -19.62
C GLU A 51 10.90 -1.95 -19.53
N GLY A 52 10.27 -2.42 -20.61
CA GLY A 52 9.69 -3.76 -20.67
C GLY A 52 8.85 -4.07 -19.45
N LEU A 53 7.94 -3.15 -19.09
CA LEU A 53 7.06 -3.27 -17.91
C LEU A 53 5.62 -3.58 -18.35
N GLU A 54 5.45 -4.11 -19.57
CA GLU A 54 4.13 -4.45 -20.10
C GLU A 54 3.42 -5.44 -19.17
N HIS A 55 4.15 -6.49 -18.75
CA HIS A 55 3.57 -7.57 -17.96
C HIS A 55 3.38 -7.11 -16.50
N GLN A 56 4.29 -6.29 -15.97
CA GLN A 56 4.16 -5.79 -14.60
C GLN A 56 2.90 -4.91 -14.50
N LEU A 57 2.68 -4.05 -15.50
CA LEU A 57 1.48 -3.23 -15.56
C LEU A 57 0.23 -4.12 -15.46
N ARG A 58 0.14 -5.15 -16.31
CA ARG A 58 -1.02 -6.03 -16.33
C ARG A 58 -1.24 -6.65 -14.94
N ARG A 59 -0.16 -7.16 -14.34
CA ARG A 59 -0.21 -7.82 -13.05
C ARG A 59 -0.83 -6.86 -12.02
N GLU A 60 -0.19 -5.68 -11.85
CA GLU A 60 -0.56 -4.62 -10.91
C GLU A 60 -2.05 -4.29 -11.08
N ILE A 61 -2.50 -4.07 -12.32
CA ILE A 61 -3.90 -3.73 -12.55
C ILE A 61 -4.81 -4.91 -12.15
N GLU A 62 -4.50 -6.14 -12.54
CA GLU A 62 -5.41 -7.26 -12.22
C GLU A 62 -5.55 -7.39 -10.69
N ILE A 63 -4.42 -7.31 -9.97
CA ILE A 63 -4.41 -7.45 -8.53
C ILE A 63 -5.24 -6.33 -7.89
N GLN A 64 -4.95 -5.07 -8.24
CA GLN A 64 -5.61 -3.87 -7.70
C GLN A 64 -7.12 -3.89 -7.97
N ALA A 65 -7.50 -4.28 -9.18
CA ALA A 65 -8.90 -4.47 -9.59
C ALA A 65 -9.63 -5.45 -8.68
N HIS A 66 -8.92 -6.47 -8.16
CA HIS A 66 -9.55 -7.57 -7.39
C HIS A 66 -9.65 -7.24 -5.89
N LEU A 67 -9.05 -6.12 -5.46
CA LEU A 67 -8.93 -5.77 -4.05
C LEU A 67 -9.87 -4.58 -3.74
N GLN A 68 -10.89 -4.79 -2.90
CA GLN A 68 -11.78 -3.69 -2.40
C GLN A 68 -11.87 -3.75 -0.86
N HIS A 69 -11.13 -2.84 -0.23
CA HIS A 69 -10.95 -2.81 1.19
C HIS A 69 -10.68 -1.36 1.59
N PRO A 70 -11.20 -0.89 2.76
CA PRO A 70 -11.01 0.49 3.19
C PRO A 70 -9.56 0.90 3.47
N ASN A 71 -8.66 -0.08 3.64
CA ASN A 71 -7.24 0.22 3.93
C ASN A 71 -6.33 -0.16 2.74
N ILE A 72 -6.94 -0.40 1.59
CA ILE A 72 -6.25 -0.64 0.35
C ILE A 72 -6.71 0.43 -0.66
N LEU A 73 -5.75 1.22 -1.18
CA LEU A 73 -6.05 2.29 -2.10
C LEU A 73 -6.73 1.71 -3.34
N ARG A 74 -7.91 2.20 -3.63
CA ARG A 74 -8.79 1.63 -4.62
C ARG A 74 -8.30 1.98 -6.04
N LEU A 75 -8.35 1.01 -6.96
CA LEU A 75 -8.31 1.32 -8.40
C LEU A 75 -9.75 1.30 -8.90
N TYR A 76 -10.24 2.46 -9.33
CA TYR A 76 -11.62 2.56 -9.76
C TYR A 76 -11.73 1.94 -11.17
N ASN A 77 -10.80 2.31 -12.05
CA ASN A 77 -10.72 1.73 -13.39
C ASN A 77 -9.46 2.25 -14.08
N TYR A 78 -9.21 1.74 -15.28
CA TYR A 78 -8.14 2.22 -16.15
C TYR A 78 -8.74 2.41 -17.55
N PHE A 79 -8.05 3.18 -18.39
CA PHE A 79 -8.37 3.31 -19.82
C PHE A 79 -7.08 3.71 -20.52
N HIS A 80 -7.11 3.78 -21.87
CA HIS A 80 -5.91 4.10 -22.66
C HIS A 80 -6.31 4.77 -23.98
N ASP A 81 -5.50 5.74 -24.41
CA ASP A 81 -5.54 6.29 -25.78
C ASP A 81 -4.31 5.75 -26.55
N ALA A 82 -4.07 6.27 -27.76
CA ALA A 82 -2.97 5.80 -28.64
C ALA A 82 -1.60 5.89 -27.94
N ARG A 83 -1.45 6.88 -27.06
CA ARG A 83 -0.17 7.29 -26.53
C ARG A 83 0.01 6.99 -25.02
N ARG A 84 -1.08 6.70 -24.28
CA ARG A 84 -1.02 6.74 -22.81
C ARG A 84 -1.94 5.72 -22.14
N VAL A 85 -1.50 5.24 -20.97
CA VAL A 85 -2.37 4.49 -20.03
C VAL A 85 -2.68 5.38 -18.83
N TYR A 86 -3.96 5.33 -18.42
CA TYR A 86 -4.56 6.16 -17.35
C TYR A 86 -5.11 5.25 -16.25
N LEU A 87 -4.64 5.45 -15.02
CA LEU A 87 -5.19 4.73 -13.86
C LEU A 87 -6.04 5.70 -13.03
N ILE A 88 -7.29 5.33 -12.76
CA ILE A 88 -8.18 6.13 -11.92
C ILE A 88 -8.12 5.57 -10.50
N LEU A 89 -7.35 6.22 -9.63
CA LEU A 89 -7.05 5.73 -8.27
C LEU A 89 -7.76 6.59 -7.23
N GLU A 90 -7.96 6.02 -6.04
CA GLU A 90 -8.54 6.69 -4.90
C GLU A 90 -7.62 7.86 -4.54
N TYR A 91 -8.22 9.02 -4.26
CA TYR A 91 -7.47 10.13 -3.73
C TYR A 91 -7.37 9.99 -2.20
N ALA A 92 -6.13 9.96 -1.70
CA ALA A 92 -5.78 9.93 -0.28
C ALA A 92 -5.40 11.35 0.17
N PRO A 93 -6.33 12.09 0.82
CA PRO A 93 -6.16 13.53 0.99
C PRO A 93 -5.12 13.98 2.04
N ARG A 94 -4.72 13.10 2.97
CA ARG A 94 -3.65 13.45 3.91
C ARG A 94 -2.26 13.06 3.36
N GLY A 95 -2.21 12.44 2.18
CA GLY A 95 -0.92 12.17 1.54
C GLY A 95 -0.14 11.00 2.15
N GLU A 96 1.18 11.20 2.28
CA GLU A 96 2.15 10.14 2.49
C GLU A 96 2.45 10.01 3.97
N LEU A 97 2.36 8.76 4.46
CA LEU A 97 2.78 8.42 5.79
C LEU A 97 4.25 8.74 5.98
N TYR A 98 5.07 8.57 4.94
CA TYR A 98 6.50 8.83 5.09
C TYR A 98 6.71 10.29 5.50
N LYS A 99 5.99 11.22 4.87
CA LYS A 99 6.01 12.66 5.25
C LYS A 99 5.60 12.82 6.71
N GLU A 100 4.46 12.24 7.09
CA GLU A 100 3.97 12.33 8.46
C GLU A 100 5.03 11.81 9.43
N LEU A 101 5.67 10.69 9.06
CA LEU A 101 6.72 10.09 9.87
C LEU A 101 7.91 11.05 10.00
N GLN A 102 8.22 11.80 8.92
CA GLN A 102 9.39 12.73 8.89
C GLN A 102 9.17 13.99 9.75
N LYS A 103 7.93 14.37 10.04
CA LYS A 103 7.63 15.51 10.92
C LYS A 103 8.25 15.29 12.31
N SER A 104 7.94 14.14 12.92
CA SER A 104 8.36 13.84 14.28
C SER A 104 9.45 12.75 14.31
N ASP A 105 9.83 12.24 13.13
CA ASP A 105 10.75 11.10 12.96
C ASP A 105 10.18 9.82 13.58
N LYS A 106 9.07 9.89 14.31
CA LYS A 106 8.42 8.69 14.83
C LYS A 106 6.97 9.00 15.26
N LEU A 107 6.23 7.91 15.58
CA LEU A 107 4.81 7.94 15.87
C LEU A 107 4.57 7.44 17.29
N ASP A 108 3.45 7.89 17.87
CA ASP A 108 3.04 7.49 19.20
C ASP A 108 2.37 6.11 19.10
N GLU A 109 2.19 5.48 20.26
CA GLU A 109 1.63 4.14 20.39
C GLU A 109 0.26 4.07 19.72
N GLN A 110 -0.53 5.13 19.86
CA GLN A 110 -1.88 5.12 19.38
C GLN A 110 -1.89 5.12 17.84
N ARG A 111 -1.06 5.97 17.23
CA ARG A 111 -1.06 6.03 15.77
C ARG A 111 -0.43 4.76 15.18
N THR A 112 0.57 4.20 15.87
CA THR A 112 1.25 3.00 15.38
C THR A 112 0.30 1.81 15.46
N ALA A 113 -0.23 1.55 16.66
CA ALA A 113 -1.19 0.51 16.92
C ALA A 113 -2.31 0.52 15.89
N THR A 114 -2.80 1.71 15.53
CA THR A 114 -3.92 1.89 14.60
C THR A 114 -3.50 1.44 13.20
N ILE A 115 -2.26 1.76 12.83
CA ILE A 115 -1.74 1.37 11.53
C ILE A 115 -1.57 -0.16 11.48
N ILE A 116 -1.06 -0.73 12.58
CA ILE A 116 -0.86 -2.19 12.65
C ILE A 116 -2.20 -2.90 12.48
N GLU A 117 -3.21 -2.49 13.25
CA GLU A 117 -4.53 -3.11 13.15
C GLU A 117 -5.02 -3.06 11.70
N GLU A 118 -4.86 -1.91 11.05
CA GLU A 118 -5.36 -1.66 9.71
C GLU A 118 -4.63 -2.53 8.67
N LEU A 119 -3.31 -2.63 8.77
CA LEU A 119 -2.52 -3.52 7.88
C LEU A 119 -2.90 -4.99 8.12
N ALA A 120 -3.02 -5.42 9.38
CA ALA A 120 -3.35 -6.83 9.64
C ALA A 120 -4.73 -7.15 9.06
N ASP A 121 -5.61 -6.16 9.03
CA ASP A 121 -6.96 -6.33 8.50
C ASP A 121 -6.93 -6.43 6.96
N ALA A 122 -6.27 -5.47 6.32
CA ALA A 122 -6.12 -5.43 4.86
C ALA A 122 -5.45 -6.72 4.35
N LEU A 123 -4.41 -7.17 5.06
CA LEU A 123 -3.57 -8.28 4.62
C LEU A 123 -4.28 -9.61 4.88
N THR A 124 -5.11 -9.69 5.94
CA THR A 124 -6.07 -10.80 6.11
C THR A 124 -6.92 -10.93 4.84
N TYR A 125 -7.49 -9.80 4.40
CA TYR A 125 -8.32 -9.77 3.21
C TYR A 125 -7.49 -10.21 1.98
N CYS A 126 -6.22 -9.76 1.91
CA CYS A 126 -5.35 -10.03 0.75
C CYS A 126 -5.02 -11.53 0.70
N HIS A 127 -4.56 -12.08 1.83
CA HIS A 127 -4.13 -13.47 1.93
C HIS A 127 -5.30 -14.43 1.71
N ASP A 128 -6.51 -14.03 2.09
CA ASP A 128 -7.73 -14.85 1.91
C ASP A 128 -8.05 -14.94 0.41
N LYS A 129 -7.56 -13.97 -0.37
CA LYS A 129 -7.71 -13.97 -1.80
C LYS A 129 -6.43 -14.43 -2.52
N LYS A 130 -5.44 -14.90 -1.75
CA LYS A 130 -4.24 -15.49 -2.24
C LYS A 130 -3.36 -14.42 -2.88
N VAL A 131 -3.45 -13.20 -2.34
CA VAL A 131 -2.56 -12.16 -2.73
C VAL A 131 -1.54 -11.97 -1.61
N ILE A 132 -0.25 -12.05 -1.97
CA ILE A 132 0.84 -11.70 -1.08
C ILE A 132 1.41 -10.36 -1.55
N HIS A 133 1.61 -9.43 -0.60
CA HIS A 133 2.00 -8.06 -0.96
C HIS A 133 3.48 -7.99 -1.33
N ARG A 134 4.31 -8.51 -0.43
CA ARG A 134 5.77 -8.71 -0.54
C ARG A 134 6.56 -7.41 -0.40
N ASP A 135 5.93 -6.29 -0.06
CA ASP A 135 6.66 -5.02 0.06
C ASP A 135 5.95 -4.03 1.00
N ILE A 136 5.50 -4.51 2.16
CA ILE A 136 4.93 -3.63 3.17
C ILE A 136 6.06 -2.80 3.78
N LYS A 137 5.88 -1.47 3.76
CA LYS A 137 6.81 -0.52 4.36
C LYS A 137 6.18 0.86 4.38
N PRO A 138 6.66 1.80 5.23
CA PRO A 138 6.03 3.10 5.39
C PRO A 138 5.78 3.87 4.08
N GLU A 139 6.75 3.81 3.17
CA GLU A 139 6.71 4.59 1.96
C GLU A 139 5.66 4.06 0.99
N ASN A 140 5.08 2.88 1.23
CA ASN A 140 4.06 2.32 0.31
C ASN A 140 2.63 2.62 0.80
N LEU A 141 2.53 3.44 1.85
CA LEU A 141 1.27 3.67 2.55
C LEU A 141 0.88 5.14 2.42
N LEU A 142 -0.35 5.37 1.96
CA LEU A 142 -0.96 6.72 1.94
C LEU A 142 -1.95 6.86 3.11
N LEU A 143 -2.51 8.07 3.28
CA LEU A 143 -3.39 8.37 4.44
C LEU A 143 -4.72 8.99 4.01
N GLY A 144 -5.82 8.40 4.53
CA GLY A 144 -7.17 8.78 4.20
C GLY A 144 -7.60 10.03 4.96
N PHE A 145 -8.88 10.39 4.79
CA PHE A 145 -9.44 11.61 5.35
C PHE A 145 -9.29 11.65 6.89
N ARG A 146 -9.57 10.53 7.55
CA ARG A 146 -9.43 10.44 9.02
C ARG A 146 -8.11 9.75 9.40
N GLY A 147 -7.11 9.80 8.53
CA GLY A 147 -5.79 9.28 8.86
C GLY A 147 -5.65 7.77 8.68
N GLU A 148 -6.61 7.11 8.01
CA GLU A 148 -6.57 5.66 7.86
C GLU A 148 -5.57 5.28 6.74
N VAL A 149 -4.74 4.27 7.06
CA VAL A 149 -3.71 3.79 6.16
C VAL A 149 -4.36 3.26 4.86
N LYS A 150 -3.74 3.58 3.71
CA LYS A 150 -4.09 3.05 2.40
C LYS A 150 -2.83 2.40 1.79
N ILE A 151 -2.83 1.07 1.69
CA ILE A 151 -1.76 0.37 0.96
C ILE A 151 -1.87 0.83 -0.49
N ALA A 152 -0.85 1.51 -1.01
CA ALA A 152 -0.97 2.28 -2.27
C ALA A 152 -0.06 1.76 -3.39
N ASP A 153 0.97 0.96 -3.08
CA ASP A 153 1.88 0.40 -4.10
C ASP A 153 1.74 -1.13 -4.15
N PHE A 154 1.60 -1.68 -5.35
CA PHE A 154 1.43 -3.11 -5.54
C PHE A 154 2.47 -3.64 -6.53
N GLY A 155 3.62 -2.98 -6.61
CA GLY A 155 4.71 -3.31 -7.54
C GLY A 155 5.24 -4.74 -7.39
N TRP A 156 5.33 -5.24 -6.16
CA TRP A 156 5.88 -6.59 -5.89
C TRP A 156 4.77 -7.61 -5.58
N SER A 157 3.51 -7.19 -5.64
CA SER A 157 2.39 -8.04 -5.23
C SER A 157 2.22 -9.19 -6.23
N VAL A 158 1.68 -10.31 -5.74
CA VAL A 158 1.48 -11.49 -6.58
C VAL A 158 0.20 -12.21 -6.15
N HIS A 159 -0.62 -12.61 -7.14
CA HIS A 159 -1.73 -13.54 -6.96
C HIS A 159 -1.21 -14.97 -7.16
N THR A 160 -1.22 -15.77 -6.08
CA THR A 160 -0.69 -17.14 -6.03
C THR A 160 -1.64 -18.03 -5.23
N PRO A 161 -2.57 -18.78 -5.88
CA PRO A 161 -3.44 -19.72 -5.17
C PRO A 161 -2.70 -20.71 -4.26
N SER A 162 -1.51 -21.13 -4.69
CA SER A 162 -0.71 -22.09 -3.96
C SER A 162 0.05 -21.45 -2.79
N LEU A 163 0.13 -20.11 -2.75
CA LEU A 163 0.97 -19.38 -1.79
C LEU A 163 2.38 -19.99 -1.73
N ARG A 164 3.01 -20.15 -2.90
CA ARG A 164 4.38 -20.62 -3.01
C ARG A 164 5.15 -19.74 -4.00
N ARG A 165 6.19 -19.04 -3.56
CA ARG A 165 6.97 -18.19 -4.48
C ARG A 165 8.43 -18.23 -4.03
N LYS A 166 9.34 -17.71 -4.88
CA LYS A 166 10.79 -17.81 -4.63
C LYS A 166 11.52 -16.48 -4.89
N TPO A 167 10.89 -15.56 -5.65
CA TPO A 167 11.51 -14.36 -6.16
CB TPO A 167 10.59 -13.65 -7.15
CG2 TPO A 167 11.22 -12.37 -7.74
OG1 TPO A 167 10.24 -14.48 -8.25
P TPO A 167 8.73 -15.05 -8.28
O1P TPO A 167 7.78 -14.00 -7.83
O2P TPO A 167 8.28 -15.62 -9.57
O3P TPO A 167 8.80 -16.27 -7.40
C TPO A 167 11.89 -13.43 -5.04
O TPO A 167 11.11 -13.18 -4.13
N MET A 168 13.11 -12.91 -5.11
CA MET A 168 13.58 -11.83 -4.25
C MET A 168 12.84 -10.55 -4.64
N CYS A 169 12.18 -9.95 -3.64
CA CYS A 169 11.26 -8.82 -3.78
C CYS A 169 11.36 -7.93 -2.56
N GLY A 170 11.15 -6.64 -2.77
CA GLY A 170 10.92 -5.72 -1.69
C GLY A 170 12.06 -4.74 -1.59
N THR A 171 12.42 -4.43 -0.35
CA THR A 171 13.22 -3.31 -0.01
C THR A 171 14.18 -3.79 1.08
N LEU A 172 15.48 -3.54 0.88
CA LEU A 172 16.59 -4.05 1.72
C LEU A 172 16.23 -4.17 3.22
N ASP A 173 15.83 -3.06 3.85
CA ASP A 173 15.70 -3.05 5.33
C ASP A 173 14.50 -3.90 5.79
N TYR A 174 13.65 -4.27 4.83
CA TYR A 174 12.40 -4.98 5.11
C TYR A 174 12.43 -6.44 4.66
N LEU A 175 13.56 -6.92 4.11
CA LEU A 175 13.61 -8.27 3.51
C LEU A 175 13.52 -9.31 4.61
N PRO A 176 12.63 -10.31 4.46
CA PRO A 176 12.55 -11.40 5.42
C PRO A 176 13.67 -12.42 5.18
N PRO A 177 14.10 -13.14 6.24
CA PRO A 177 15.28 -13.99 6.15
C PRO A 177 15.15 -15.10 5.10
N GLU A 178 13.92 -15.60 4.89
CA GLU A 178 13.71 -16.78 4.06
C GLU A 178 13.94 -16.40 2.59
N MET A 179 13.69 -15.12 2.26
CA MET A 179 13.97 -14.56 0.93
C MET A 179 15.48 -14.43 0.69
N ILE A 180 16.19 -13.96 1.70
CA ILE A 180 17.60 -13.75 1.60
C ILE A 180 18.26 -15.11 1.44
N GLU A 181 17.63 -16.13 2.03
CA GLU A 181 18.16 -17.49 2.01
C GLU A 181 17.78 -18.20 0.70
N GLY A 182 16.92 -17.59 -0.12
CA GLY A 182 16.52 -18.18 -1.39
C GLY A 182 15.59 -19.38 -1.24
N ARG A 183 14.91 -19.50 -0.09
CA ARG A 183 13.96 -20.60 0.15
C ARG A 183 12.65 -20.31 -0.58
N THR A 184 11.83 -21.35 -0.71
CA THR A 184 10.43 -21.16 -1.02
C THR A 184 9.76 -20.43 0.15
N TYR A 185 8.87 -19.49 -0.16
CA TYR A 185 8.19 -18.75 0.87
C TYR A 185 6.69 -18.62 0.53
N ASP A 186 5.95 -18.22 1.57
CA ASP A 186 4.52 -18.10 1.54
C ASP A 186 4.11 -16.70 2.06
N GLU A 187 2.85 -16.59 2.50
CA GLU A 187 2.23 -15.32 2.88
C GLU A 187 2.91 -14.73 4.13
N LYS A 188 3.72 -15.52 4.84
CA LYS A 188 4.29 -15.12 6.14
C LYS A 188 5.42 -14.09 5.97
N VAL A 189 5.89 -13.86 4.74
CA VAL A 189 6.80 -12.77 4.45
C VAL A 189 6.12 -11.44 4.83
N ASP A 190 4.80 -11.35 4.68
CA ASP A 190 4.09 -10.12 5.01
C ASP A 190 4.07 -9.87 6.52
N LEU A 191 4.05 -10.94 7.34
CA LEU A 191 4.02 -10.79 8.82
C LEU A 191 5.35 -10.22 9.30
N TRP A 192 6.45 -10.66 8.68
CA TRP A 192 7.78 -10.18 8.99
C TRP A 192 7.84 -8.66 8.78
N CYS A 193 7.30 -8.21 7.63
CA CYS A 193 7.36 -6.79 7.26
C CYS A 193 6.50 -5.91 8.21
N ILE A 194 5.32 -6.41 8.64
CA ILE A 194 4.52 -5.74 9.67
C ILE A 194 5.37 -5.50 10.94
N GLY A 195 6.24 -6.45 11.28
CA GLY A 195 7.10 -6.33 12.46
C GLY A 195 8.18 -5.27 12.31
N VAL A 196 8.80 -5.21 11.12
CA VAL A 196 9.81 -4.22 10.81
C VAL A 196 9.17 -2.83 10.83
N LEU A 197 8.02 -2.72 10.19
CA LEU A 197 7.29 -1.49 10.10
C LEU A 197 6.97 -1.00 11.51
N CYS A 198 6.44 -1.88 12.37
CA CYS A 198 6.00 -1.48 13.71
C CYS A 198 7.18 -0.87 14.47
N TYR A 199 8.36 -1.51 14.35
CA TYR A 199 9.59 -1.06 14.98
C TYR A 199 9.96 0.34 14.47
N GLU A 200 9.93 0.53 13.15
CA GLU A 200 10.42 1.74 12.51
C GLU A 200 9.53 2.93 12.89
N LEU A 201 8.20 2.72 12.95
CA LEU A 201 7.27 3.79 13.26
C LEU A 201 7.49 4.28 14.70
N LEU A 202 7.81 3.37 15.63
CA LEU A 202 7.98 3.73 17.05
C LEU A 202 9.41 4.22 17.36
N VAL A 203 10.42 3.78 16.60
CA VAL A 203 11.80 4.07 16.96
C VAL A 203 12.36 5.19 16.08
N GLY A 204 11.95 5.24 14.82
CA GLY A 204 12.36 6.30 13.90
C GLY A 204 13.32 5.82 12.84
N TYR A 205 13.87 4.61 13.04
CA TYR A 205 14.76 3.94 12.10
C TYR A 205 14.43 2.44 12.08
N PRO A 206 14.74 1.71 10.97
CA PRO A 206 14.45 0.29 10.90
C PRO A 206 15.47 -0.52 11.69
N PRO A 207 15.09 -1.74 12.16
CA PRO A 207 15.88 -2.47 13.15
C PRO A 207 17.16 -3.16 12.65
N PHE A 208 17.31 -3.31 11.33
CA PHE A 208 18.48 -3.98 10.75
C PHE A 208 19.34 -3.01 9.94
N GLU A 209 19.04 -1.71 10.03
CA GLU A 209 19.79 -0.67 9.29
C GLU A 209 21.30 -0.76 9.57
N SER A 210 22.09 -0.45 8.54
CA SER A 210 23.56 -0.51 8.60
C SER A 210 24.15 0.23 7.39
N ALA A 211 25.47 0.38 7.40
CA ALA A 211 26.22 1.14 6.37
C ALA A 211 26.23 0.44 5.01
N SER A 212 26.03 -0.89 4.95
CA SER A 212 26.09 -1.66 3.68
C SER A 212 24.92 -2.64 3.54
N HIS A 213 24.56 -2.96 2.30
CA HIS A 213 23.66 -4.06 1.98
C HIS A 213 24.12 -5.34 2.71
N SER A 214 25.42 -5.67 2.58
CA SER A 214 25.97 -6.90 3.13
C SER A 214 25.76 -6.99 4.65
N GLU A 215 25.99 -5.89 5.37
CA GLU A 215 25.90 -5.96 6.83
C GLU A 215 24.41 -6.05 7.26
N THR A 216 23.52 -5.43 6.48
CA THR A 216 22.10 -5.51 6.72
C THR A 216 21.63 -6.97 6.56
N TYR A 217 22.07 -7.64 5.48
CA TYR A 217 21.72 -9.06 5.29
C TYR A 217 22.07 -9.88 6.54
N ARG A 218 23.26 -9.64 7.12
CA ARG A 218 23.75 -10.45 8.23
C ARG A 218 22.95 -10.15 9.51
N ARG A 219 22.58 -8.88 9.69
CA ARG A 219 21.74 -8.47 10.80
C ARG A 219 20.38 -9.17 10.72
N ILE A 220 19.82 -9.26 9.52
CA ILE A 220 18.53 -9.89 9.28
C ILE A 220 18.58 -11.39 9.61
N LEU A 221 19.63 -12.09 9.16
CA LEU A 221 19.70 -13.55 9.25
C LEU A 221 19.90 -13.96 10.71
N LYS A 222 20.51 -13.07 11.48
CA LYS A 222 20.82 -13.28 12.88
C LYS A 222 19.66 -12.75 13.75
N VAL A 223 18.66 -12.14 13.12
CA VAL A 223 17.56 -11.44 13.77
C VAL A 223 18.13 -10.55 14.88
N ASP A 224 19.01 -9.65 14.50
CA ASP A 224 19.78 -8.81 15.41
C ASP A 224 18.98 -7.55 15.80
N VAL A 225 17.83 -7.76 16.44
CA VAL A 225 16.96 -6.66 16.82
CA VAL A 225 16.93 -6.68 16.84
C VAL A 225 17.44 -6.09 18.15
N ARG A 226 17.59 -4.76 18.21
CA ARG A 226 18.04 -4.08 19.44
C ARG A 226 16.99 -3.03 19.80
N PHE A 227 16.27 -3.30 20.90
CA PHE A 227 15.19 -2.44 21.36
C PHE A 227 15.75 -1.31 22.22
N PRO A 228 15.42 -0.03 21.92
CA PRO A 228 15.76 1.06 22.83
C PRO A 228 15.04 0.83 24.17
N LEU A 229 15.63 1.36 25.26
CA LEU A 229 15.10 1.14 26.63
C LEU A 229 13.71 1.76 26.81
N SER A 230 13.45 2.85 26.07
CA SER A 230 12.19 3.56 26.13
C SER A 230 11.06 2.83 25.37
N MET A 231 11.36 1.73 24.66
CA MET A 231 10.34 1.03 23.87
C MET A 231 9.25 0.51 24.81
N PRO A 232 7.96 0.87 24.59
CA PRO A 232 6.89 0.31 25.40
C PRO A 232 6.89 -1.23 25.34
N LEU A 233 6.49 -1.85 26.44
CA LEU A 233 6.67 -3.26 26.70
C LEU A 233 5.80 -4.10 25.75
N GLY A 234 4.62 -3.58 25.40
CA GLY A 234 3.63 -4.30 24.61
C GLY A 234 4.02 -4.37 23.14
N ALA A 235 4.61 -3.28 22.66
CA ALA A 235 5.15 -3.19 21.32
C ALA A 235 6.39 -4.10 21.20
N ARG A 236 7.22 -4.12 22.23
CA ARG A 236 8.39 -4.97 22.23
C ARG A 236 7.96 -6.43 22.08
N ASP A 237 6.91 -6.82 22.80
CA ASP A 237 6.33 -8.14 22.73
C ASP A 237 5.85 -8.44 21.30
N LEU A 238 5.06 -7.55 20.71
CA LEU A 238 4.47 -7.76 19.39
C LEU A 238 5.59 -7.96 18.36
N ILE A 239 6.58 -7.07 18.38
CA ILE A 239 7.65 -7.05 17.39
C ILE A 239 8.47 -8.34 17.49
N SER A 240 8.85 -8.73 18.71
CA SER A 240 9.65 -9.94 18.94
CA SER A 240 9.65 -9.93 18.96
C SER A 240 8.90 -11.20 18.49
N ARG A 241 7.57 -11.16 18.50
CA ARG A 241 6.74 -12.30 18.09
C ARG A 241 6.54 -12.32 16.56
N LEU A 242 6.78 -11.19 15.88
CA LEU A 242 6.68 -11.11 14.42
C LEU A 242 8.05 -11.31 13.75
N LEU A 243 9.11 -10.76 14.36
CA LEU A 243 10.46 -10.87 13.82
C LEU A 243 11.06 -12.20 14.27
N ARG A 244 10.54 -13.29 13.70
CA ARG A 244 11.05 -14.63 13.98
C ARG A 244 11.71 -15.17 12.71
N TYR A 245 12.86 -15.83 12.91
CA TYR A 245 13.63 -16.46 11.85
C TYR A 245 12.75 -17.49 11.11
N GLN A 246 12.13 -18.42 11.85
CA GLN A 246 11.24 -19.46 11.33
C GLN A 246 9.89 -18.86 11.00
N PRO A 247 9.46 -18.83 9.72
CA PRO A 247 8.21 -18.17 9.34
C PRO A 247 6.96 -18.59 10.12
N LEU A 248 6.82 -19.87 10.40
CA LEU A 248 5.61 -20.39 11.06
C LEU A 248 5.59 -20.01 12.56
N GLU A 249 6.74 -19.63 13.14
CA GLU A 249 6.75 -19.20 14.55
C GLU A 249 6.20 -17.77 14.70
N ARG A 250 6.01 -17.06 13.58
CA ARG A 250 5.61 -15.67 13.62
C ARG A 250 4.13 -15.57 14.05
N LEU A 251 3.81 -14.50 14.78
CA LEU A 251 2.44 -14.21 15.21
C LEU A 251 1.55 -14.07 13.98
N PRO A 252 0.53 -14.94 13.80
CA PRO A 252 -0.37 -14.84 12.66
C PRO A 252 -1.21 -13.55 12.70
N LEU A 253 -1.74 -13.14 11.55
CA LEU A 253 -2.55 -11.93 11.45
C LEU A 253 -3.71 -11.93 12.48
N ALA A 254 -4.40 -13.05 12.67
CA ALA A 254 -5.54 -13.11 13.59
C ALA A 254 -5.10 -12.83 15.05
N GLN A 255 -3.88 -13.23 15.39
CA GLN A 255 -3.34 -13.00 16.73
C GLN A 255 -2.74 -11.58 16.83
N ILE A 256 -2.30 -11.00 15.71
CA ILE A 256 -1.92 -9.59 15.70
C ILE A 256 -3.13 -8.76 16.13
N LEU A 257 -4.29 -9.01 15.52
CA LEU A 257 -5.45 -8.20 15.76
C LEU A 257 -5.91 -8.29 17.23
N LYS A 258 -5.66 -9.41 17.90
CA LYS A 258 -6.09 -9.66 19.28
C LYS A 258 -4.95 -9.33 20.26
N HIS A 259 -3.80 -8.89 19.78
CA HIS A 259 -2.68 -8.63 20.68
C HIS A 259 -3.06 -7.48 21.62
N PRO A 260 -2.80 -7.63 22.94
CA PRO A 260 -3.26 -6.67 23.94
C PRO A 260 -2.77 -5.24 23.71
N TRP A 261 -1.55 -5.09 23.19
CA TRP A 261 -1.02 -3.77 22.90
C TRP A 261 -1.81 -3.14 21.75
N VAL A 262 -2.14 -3.93 20.73
CA VAL A 262 -2.89 -3.40 19.59
C VAL A 262 -4.30 -3.00 20.07
N GLN A 263 -4.94 -3.90 20.82
CA GLN A 263 -6.29 -3.70 21.40
C GLN A 263 -6.37 -2.41 22.23
N ALA A 264 -5.39 -2.22 23.10
CA ALA A 264 -5.34 -1.12 24.05
C ALA A 264 -5.18 0.23 23.36
N HIS A 265 -4.33 0.31 22.31
CA HIS A 265 -3.89 1.63 21.82
C HIS A 265 -4.47 1.98 20.44
N SER A 266 -5.08 1.00 19.76
CA SER A 266 -5.65 1.23 18.43
C SER A 266 -6.93 2.09 18.54
N ARG A 267 -7.06 3.07 17.66
CA ARG A 267 -8.25 3.92 17.53
C ARG A 267 -8.72 3.90 16.08
N ARG A 268 -8.87 2.71 15.52
CA ARG A 268 -9.18 2.57 14.12
C ARG A 268 -10.63 2.98 13.83
N VAL A 269 -10.83 3.75 12.75
CA VAL A 269 -12.17 4.14 12.31
C VAL A 269 -12.43 3.52 10.93
N LEU A 270 -13.67 3.09 10.68
CA LEU A 270 -14.05 2.55 9.38
C LEU A 270 -14.65 3.68 8.55
N PRO A 271 -14.18 3.86 7.28
CA PRO A 271 -14.80 4.79 6.34
C PRO A 271 -16.31 4.57 6.24
N PRO A 272 -17.12 5.66 6.15
CA PRO A 272 -18.56 5.54 5.93
C PRO A 272 -18.89 4.77 4.64
N CYS A 273 -20.17 4.49 4.45
CA CYS A 273 -20.65 3.65 3.37
C CYS A 273 -22.10 4.07 3.06
N ALA A 274 -22.88 3.14 2.49
CA ALA A 274 -24.32 3.31 2.20
C ALA A 274 -24.50 4.66 1.50
N PRO B 8 -1.61 28.42 -12.63
CA PRO B 8 -2.90 28.77 -12.02
C PRO B 8 -3.73 27.52 -11.68
N ILE B 9 -3.89 27.25 -10.36
CA ILE B 9 -4.60 26.04 -9.89
C ILE B 9 -6.08 26.36 -9.79
N PRO B 10 -6.97 25.60 -10.48
CA PRO B 10 -8.41 25.79 -10.32
C PRO B 10 -8.84 25.99 -8.85
N THR B 11 -9.95 26.71 -8.65
CA THR B 11 -10.33 27.14 -7.30
C THR B 11 -10.86 25.94 -6.51
N TRP B 12 -11.49 24.98 -7.21
CA TRP B 12 -12.05 23.74 -6.59
C TRP B 12 -10.94 22.87 -5.96
N ALA B 13 -9.69 23.01 -6.44
CA ALA B 13 -8.59 22.07 -6.20
C ALA B 13 -7.61 22.55 -5.12
N ARG B 14 -8.02 23.52 -4.29
CA ARG B 14 -7.22 23.95 -3.13
C ARG B 14 -8.12 24.64 -2.09
N GLY B 15 -7.52 24.95 -0.93
CA GLY B 15 -8.11 25.76 0.11
C GLY B 15 -9.34 25.10 0.70
N THR B 16 -10.28 25.93 1.13
CA THR B 16 -11.50 25.51 1.80
C THR B 16 -12.40 24.74 0.83
N PRO B 17 -12.52 25.13 -0.47
CA PRO B 17 -13.35 24.36 -1.39
C PRO B 17 -12.90 22.89 -1.52
N LEU B 18 -11.60 22.60 -1.51
CA LEU B 18 -11.15 21.18 -1.60
C LEU B 18 -11.50 20.43 -0.29
N SER B 19 -11.12 21.01 0.85
CA SER B 19 -11.50 20.52 2.20
C SER B 19 -12.98 20.15 2.27
N GLN B 20 -13.86 21.05 1.82
CA GLN B 20 -15.30 20.85 1.96
C GLN B 20 -15.73 19.69 1.04
N ALA B 21 -15.25 19.67 -0.20
CA ALA B 21 -15.58 18.58 -1.15
C ALA B 21 -15.08 17.23 -0.61
N ILE B 22 -13.90 17.22 0.03
CA ILE B 22 -13.30 15.97 0.56
C ILE B 22 -14.20 15.44 1.68
N ILE B 23 -14.54 16.33 2.63
CA ILE B 23 -15.54 16.06 3.69
C ILE B 23 -16.82 15.48 3.07
N HIS B 24 -17.38 16.19 2.09
CA HIS B 24 -18.61 15.75 1.50
C HIS B 24 -18.45 14.31 0.96
N GLN B 25 -17.44 14.09 0.13
CA GLN B 25 -17.25 12.81 -0.58
C GLN B 25 -17.07 11.68 0.44
N TYR B 26 -16.27 11.93 1.48
CA TYR B 26 -15.98 10.92 2.52
C TYR B 26 -17.25 10.43 3.22
N TYR B 27 -18.16 11.34 3.58
CA TYR B 27 -19.37 10.98 4.35
C TYR B 27 -20.57 10.68 3.45
N HIS B 28 -20.51 11.05 2.16
CA HIS B 28 -21.57 10.75 1.20
C HIS B 28 -20.99 9.93 0.05
N PRO B 29 -20.48 8.70 0.29
CA PRO B 29 -19.87 7.92 -0.78
C PRO B 29 -20.87 7.63 -1.90
N PRO B 30 -20.48 7.70 -3.18
CA PRO B 30 -21.40 7.40 -4.27
C PRO B 30 -21.45 5.91 -4.63
N ASN B 31 -22.27 5.58 -5.63
CA ASN B 31 -22.28 4.26 -6.25
C ASN B 31 -21.14 4.22 -7.28
N LEU B 32 -20.08 3.46 -6.99
CA LEU B 32 -18.83 3.50 -7.74
C LEU B 32 -18.99 2.74 -9.07
N LEU B 33 -19.76 1.64 -9.04
CA LEU B 33 -20.06 0.83 -10.23
C LEU B 33 -20.66 1.72 -11.33
N GLU B 34 -21.80 2.36 -11.04
CA GLU B 34 -22.50 3.14 -12.06
C GLU B 34 -21.68 4.38 -12.45
N LEU B 35 -20.73 4.77 -11.59
CA LEU B 35 -19.83 5.90 -11.82
C LEU B 35 -18.65 5.48 -12.70
N PHE B 36 -18.15 4.24 -12.54
CA PHE B 36 -16.87 3.83 -13.19
C PHE B 36 -16.97 2.54 -13.99
N GLY B 37 -18.05 1.77 -13.85
CA GLY B 37 -18.27 0.52 -14.57
C GLY B 37 -17.33 -0.60 -14.13
N THR B 38 -17.52 -1.78 -14.72
CA THR B 38 -16.66 -2.92 -14.44
C THR B 38 -15.24 -2.67 -14.96
N ILE B 39 -14.28 -3.33 -14.32
CA ILE B 39 -12.91 -3.32 -14.78
C ILE B 39 -12.74 -4.50 -15.73
N LEU B 40 -12.49 -4.18 -17.01
CA LEU B 40 -12.37 -5.17 -18.07
C LEU B 40 -10.98 -5.77 -18.03
N PRO B 41 -10.83 -7.07 -18.38
CA PRO B 41 -9.52 -7.72 -18.43
C PRO B 41 -8.56 -6.95 -19.35
N LEU B 42 -7.31 -6.79 -18.90
CA LEU B 42 -6.35 -6.00 -19.63
C LEU B 42 -5.86 -6.80 -20.84
N ASP B 43 -6.14 -6.29 -22.05
CA ASP B 43 -5.70 -6.90 -23.32
C ASP B 43 -4.42 -6.20 -23.81
N LEU B 44 -3.27 -6.81 -23.52
CA LEU B 44 -1.93 -6.25 -23.81
C LEU B 44 -1.74 -6.04 -25.32
N GLU B 45 -2.37 -6.88 -26.15
CA GLU B 45 -2.23 -6.82 -27.60
C GLU B 45 -2.87 -5.52 -28.12
N ASP B 46 -4.05 -5.17 -27.59
CA ASP B 46 -4.78 -3.98 -28.04
C ASP B 46 -4.10 -2.73 -27.46
N ILE B 47 -3.67 -2.82 -26.20
CA ILE B 47 -3.03 -1.70 -25.53
C ILE B 47 -1.76 -1.28 -26.29
N PHE B 48 -0.98 -2.25 -26.79
CA PHE B 48 0.36 -1.96 -27.32
C PHE B 48 0.45 -2.16 -28.84
N LYS B 49 0.04 -3.34 -29.34
CA LYS B 49 0.15 -3.69 -30.77
C LYS B 49 -1.04 -3.08 -31.53
N THR B 59 0.36 -19.01 -15.61
CA THR B 59 0.42 -19.76 -14.35
C THR B 59 -0.89 -19.57 -13.59
N SEP B 60 -0.90 -20.05 -12.33
CA SEP B 60 -1.99 -19.92 -11.36
CB SEP B 60 -1.43 -20.56 -10.08
OG SEP B 60 -0.23 -19.88 -9.58
C SEP B 60 -2.50 -18.51 -11.10
O SEP B 60 -3.63 -18.34 -10.64
P SEP B 60 0.68 -20.54 -8.42
O1P SEP B 60 1.54 -19.37 -7.86
O2P SEP B 60 -0.38 -21.19 -7.58
O3P SEP B 60 1.55 -21.55 -9.13
N SEP B 61 -1.68 -17.50 -11.43
CA SEP B 61 -1.97 -16.08 -11.17
CB SEP B 61 -0.73 -15.22 -11.50
OG SEP B 61 -0.68 -14.91 -12.91
C SEP B 61 -3.16 -15.44 -11.86
O SEP B 61 -3.46 -14.28 -11.57
P SEP B 61 0.63 -15.04 -13.84
O1P SEP B 61 1.43 -13.80 -13.52
O2P SEP B 61 0.07 -15.06 -15.25
O3P SEP B 61 1.29 -16.34 -13.39
N ALA B 62 -3.81 -16.15 -12.78
CA ALA B 62 -5.02 -15.64 -13.45
C ALA B 62 -6.25 -16.47 -13.05
N VAL B 63 -6.06 -17.49 -12.20
CA VAL B 63 -7.14 -18.40 -11.76
C VAL B 63 -7.64 -17.90 -10.40
N TRP B 64 -8.70 -17.07 -10.43
CA TRP B 64 -9.18 -16.33 -9.24
C TRP B 64 -10.31 -17.09 -8.53
N1 VX6 C . -0.71 17.62 1.22
C2 VX6 C . 0.52 16.97 0.80
C3 VX6 C . 0.42 16.48 -0.63
N4 VX6 C . -0.74 15.61 -0.78
C5 VX6 C . -1.99 16.16 -0.27
C6 VX6 C . -1.81 16.64 1.15
C7 VX6 C . -0.59 18.15 2.59
C8 VX6 C . -0.67 14.45 -1.50
C9 VX6 C . -1.77 13.58 -1.65
C10 VX6 C . -1.62 12.45 -2.49
N11 VX6 C . -0.45 12.21 -3.10
C12 VX6 C . 0.56 13.09 -2.92
N13 VX6 C . 0.50 14.20 -2.16
N14 VX6 C . -2.71 11.62 -2.55
C15 VX6 C . -2.88 10.52 -3.36
C17 VX6 C . -1.96 9.96 -4.24
C18 VX6 C . -2.58 8.91 -4.83
N19 VX6 C . -3.83 8.88 -4.35
N20 VX6 C . -4.04 9.87 -3.43
C21 VX6 C . -2.11 7.95 -5.87
S23 VX6 C . 2.12 12.82 -3.67
C24 VX6 C . 1.99 11.13 -4.20
C25 VX6 C . 1.55 10.82 -5.47
C26 VX6 C . 1.44 9.49 -5.86
C27 VX6 C . 1.76 8.46 -4.98
C28 VX6 C . 2.16 8.78 -3.68
C29 VX6 C . 2.28 10.11 -3.30
N30 VX6 C . 1.67 7.08 -5.28
C31 VX6 C . 1.39 6.54 -6.39
O32 VX6 C . 1.10 7.22 -7.49
C33 VX6 C . 1.44 5.21 -6.53
C34 VX6 C . 0.62 4.51 -7.60
C35 VX6 C . 0.21 4.42 -6.19
S SO4 D . 5.65 9.29 -26.57
O1 SO4 D . 6.93 9.04 -27.29
O2 SO4 D . 5.67 10.63 -25.92
O3 SO4 D . 4.51 9.21 -27.53
O4 SO4 D . 5.47 8.27 -25.52
#